data_2GGB
#
_entry.id   2GGB
#
_cell.length_a   38.722
_cell.length_b   61.454
_cell.length_c   53.308
_cell.angle_alpha   90.00
_cell.angle_beta   107.08
_cell.angle_gamma   90.00
#
_symmetry.space_group_name_H-M   'P 1 21 1'
#
loop_
_entity.id
_entity.type
_entity.pdbx_description
1 polymer 'Methionine aminopeptidase'
2 non-polymer 'COBALT (II) ION'
3 non-polymer 'SODIUM ION'
4 non-polymer 'METHYL N-[(2S,3R)-3-AMINO-2-HYDROXYHEPTANOYL]-L-SERYL-L-LEUCINATE'
5 water water
#
_entity_poly.entity_id   1
_entity_poly.type   'polypeptide(L)'
_entity_poly.pdbx_seq_one_letter_code
;AISIKTPEDIEKMRVAGRLAAEVLEMIEPYVKPGVSTGELDRICNDYIVNEQHAVSACLGYHGYPKSVCISINEVVCHGI
PDDAKLLKDGDIVNIDVTVIKDGFHGDTSKMFIVGKPTIMGERLCRITQESLYLALRMVKPGINLREIGAAIQKFVEAEG
FSVVREYCGHGIGRGFHEEPQVLHYDSRETNVVLKPGMTFTIEPMVNAGKKEIRTMKDGWTVKTKDRSLSAQYEHTIVVT
DNGCEILTLRKDDTIPAIISHDE
;
_entity_poly.pdbx_strand_id   A
#
loop_
_chem_comp.id
_chem_comp.type
_chem_comp.name
_chem_comp.formula
CO non-polymer 'COBALT (II) ION' 'Co 2'
NA non-polymer 'SODIUM ION' 'Na 1'
U17 non-polymer 'METHYL N-[(2S,3R)-3-AMINO-2-HYDROXYHEPTANOYL]-L-SERYL-L-LEUCINATE' 'C17 H33 N3 O6'
#
# COMPACT_ATOMS: atom_id res chain seq x y z
N ALA A 1 2.46 21.39 8.60
CA ALA A 1 0.98 21.31 8.33
C ALA A 1 0.50 19.86 8.41
N ILE A 2 1.20 19.14 9.28
CA ILE A 2 1.05 17.71 9.53
C ILE A 2 0.56 17.51 10.99
N SER A 3 -0.64 16.92 11.15
CA SER A 3 -1.16 16.47 12.44
CA SER A 3 -1.15 16.50 12.45
C SER A 3 -0.20 15.58 13.22
N ILE A 4 0.11 15.94 14.48
CA ILE A 4 0.70 14.99 15.44
C ILE A 4 -0.34 14.25 16.28
N LYS A 5 -0.47 12.94 16.08
CA LYS A 5 -1.44 12.12 16.82
C LYS A 5 -1.14 11.91 18.31
N THR A 6 -2.19 12.02 19.13
CA THR A 6 -2.10 11.78 20.58
C THR A 6 -1.97 10.27 20.76
N PRO A 7 -1.60 9.77 21.96
CA PRO A 7 -1.74 8.38 22.36
C PRO A 7 -3.09 7.69 22.17
N GLU A 8 -4.18 8.38 22.45
CA GLU A 8 -5.51 7.89 22.06
C GLU A 8 -5.60 7.74 20.54
N ASP A 9 -5.23 8.82 19.85
CA ASP A 9 -5.26 8.85 18.41
C ASP A 9 -4.47 7.65 17.85
N ILE A 10 -3.16 7.60 18.15
CA ILE A 10 -2.29 6.48 17.81
C ILE A 10 -2.89 5.09 18.02
N GLU A 11 -3.52 4.87 19.17
CA GLU A 11 -4.19 3.60 19.46
C GLU A 11 -5.40 3.35 18.55
N LYS A 12 -6.15 4.40 18.23
CA LYS A 12 -7.26 4.22 17.27
C LYS A 12 -6.71 3.78 15.92
N MET A 13 -5.58 4.37 15.54
CA MET A 13 -4.84 3.87 14.36
C MET A 13 -4.28 2.42 14.33
N ARG A 14 -3.69 2.02 15.46
CA ARG A 14 -3.49 0.61 15.73
C ARG A 14 -4.67 -0.28 15.33
N VAL A 15 -5.84 0.03 15.89
CA VAL A 15 -7.01 -0.80 15.63
C VAL A 15 -7.34 -0.71 14.14
N ALA A 16 -7.29 0.49 13.57
CA ALA A 16 -7.77 0.64 12.19
C ALA A 16 -6.77 -0.02 11.24
N GLY A 17 -5.47 0.17 11.53
CA GLY A 17 -4.48 -0.54 10.73
C GLY A 17 -4.56 -2.04 10.85
N ARG A 18 -4.91 -2.56 12.04
CA ARG A 18 -5.03 -4.00 12.24
CA ARG A 18 -5.03 -4.00 12.24
C ARG A 18 -6.17 -4.57 11.42
N LEU A 19 -7.37 -4.01 11.58
CA LEU A 19 -8.49 -4.33 10.70
C LEU A 19 -8.06 -4.26 9.25
N ALA A 20 -7.47 -3.17 8.75
CA ALA A 20 -7.09 -3.20 7.30
C ALA A 20 -6.17 -4.41 7.00
N ALA A 21 -5.22 -4.67 7.89
CA ALA A 21 -4.26 -5.81 7.74
C ALA A 21 -4.92 -7.16 7.68
N GLU A 22 -5.86 -7.37 8.58
CA GLU A 22 -6.72 -8.54 8.64
C GLU A 22 -7.64 -8.72 7.47
N VAL A 23 -8.03 -7.62 6.80
CA VAL A 23 -8.75 -7.85 5.55
C VAL A 23 -7.86 -8.66 4.60
N LEU A 24 -6.58 -8.26 4.53
CA LEU A 24 -5.61 -8.85 3.60
C LEU A 24 -5.24 -10.28 4.03
N GLU A 25 -5.17 -10.51 5.33
CA GLU A 25 -5.08 -11.87 5.87
C GLU A 25 -6.31 -12.73 5.57
N MET A 26 -7.53 -12.28 5.89
CA MET A 26 -8.76 -13.02 5.57
C MET A 26 -8.84 -13.37 4.08
N ILE A 27 -8.44 -12.48 3.17
CA ILE A 27 -8.74 -12.72 1.75
C ILE A 27 -7.81 -13.73 1.08
N GLU A 28 -6.61 -13.96 1.65
CA GLU A 28 -5.60 -14.79 1.02
C GLU A 28 -6.09 -16.15 0.51
N PRO A 29 -6.86 -16.92 1.34
CA PRO A 29 -7.31 -18.25 0.86
C PRO A 29 -8.13 -18.10 -0.43
N TYR A 30 -8.90 -17.03 -0.54
CA TYR A 30 -9.69 -16.80 -1.74
C TYR A 30 -8.90 -16.38 -2.96
N VAL A 31 -7.65 -15.97 -2.80
CA VAL A 31 -6.91 -15.53 -3.98
C VAL A 31 -6.36 -16.74 -4.75
N LYS A 32 -7.20 -17.18 -5.69
CA LYS A 32 -7.04 -18.46 -6.37
C LYS A 32 -7.46 -18.38 -7.84
N PRO A 33 -6.86 -19.24 -8.67
CA PRO A 33 -7.27 -19.34 -10.05
C PRO A 33 -8.80 -19.49 -10.16
N GLY A 34 -9.37 -18.84 -11.17
CA GLY A 34 -10.81 -18.92 -11.34
C GLY A 34 -11.62 -17.83 -10.69
N VAL A 35 -11.29 -17.46 -9.45
CA VAL A 35 -11.96 -16.33 -8.78
C VAL A 35 -11.97 -15.00 -9.56
N SER A 36 -13.06 -14.25 -9.45
CA SER A 36 -13.23 -12.98 -10.11
C SER A 36 -12.77 -11.91 -9.11
N THR A 37 -12.23 -10.79 -9.60
CA THR A 37 -12.07 -9.60 -8.73
C THR A 37 -13.34 -9.03 -8.07
N GLY A 38 -14.47 -9.01 -8.80
CA GLY A 38 -15.75 -8.55 -8.25
C GLY A 38 -16.16 -9.26 -6.96
N GLU A 39 -15.94 -10.58 -6.90
CA GLU A 39 -16.33 -11.36 -5.71
CA GLU A 39 -16.28 -11.44 -5.75
C GLU A 39 -15.34 -11.21 -4.56
N LEU A 40 -14.05 -11.09 -4.87
CA LEU A 40 -13.10 -10.71 -3.87
C LEU A 40 -13.45 -9.41 -3.13
N ASP A 41 -13.89 -8.38 -3.87
CA ASP A 41 -14.40 -7.10 -3.34
C ASP A 41 -15.61 -7.35 -2.42
N ARG A 42 -16.57 -8.13 -2.92
CA ARG A 42 -17.74 -8.50 -2.12
C ARG A 42 -17.34 -9.16 -0.82
N ILE A 43 -16.44 -10.14 -0.89
CA ILE A 43 -15.95 -10.78 0.33
C ILE A 43 -15.34 -9.75 1.29
N CYS A 44 -14.46 -8.88 0.77
CA CYS A 44 -13.76 -7.92 1.60
C CYS A 44 -14.68 -6.92 2.28
N ASN A 45 -15.64 -6.42 1.53
CA ASN A 45 -16.59 -5.45 2.06
C ASN A 45 -17.52 -6.07 3.08
N ASP A 46 -18.01 -7.27 2.78
CA ASP A 46 -18.87 -7.98 3.73
C ASP A 46 -18.24 -8.14 5.09
N TYR A 47 -17.01 -8.67 5.08
CA TYR A 47 -16.10 -8.73 6.21
C TYR A 47 -15.87 -7.42 6.97
N ILE A 48 -15.43 -6.38 6.25
CA ILE A 48 -15.31 -5.04 6.79
C ILE A 48 -16.61 -4.50 7.44
N VAL A 49 -17.73 -4.82 6.80
CA VAL A 49 -19.02 -4.29 7.24
C VAL A 49 -19.63 -5.11 8.36
N ASN A 50 -19.60 -6.43 8.24
CA ASN A 50 -20.42 -7.27 9.11
C ASN A 50 -19.65 -7.74 10.33
N GLU A 51 -18.37 -8.06 10.12
CA GLU A 51 -17.52 -8.65 11.14
C GLU A 51 -16.57 -7.63 11.71
N GLN A 52 -15.93 -6.82 10.87
CA GLN A 52 -15.13 -5.73 11.40
C GLN A 52 -15.98 -4.62 12.04
N HIS A 53 -17.20 -4.43 11.57
CA HIS A 53 -18.00 -3.32 12.07
C HIS A 53 -17.30 -2.02 11.75
N ALA A 54 -16.78 -1.95 10.53
CA ALA A 54 -15.99 -0.83 10.00
C ALA A 54 -16.60 -0.32 8.69
N VAL A 55 -16.06 0.76 8.09
CA VAL A 55 -16.38 1.11 6.69
C VAL A 55 -15.20 1.09 5.71
N SER A 56 -15.44 0.78 4.44
CA SER A 56 -14.43 1.08 3.46
C SER A 56 -14.38 2.56 3.09
N ALA A 57 -13.19 3.16 3.22
CA ALA A 57 -12.84 4.56 2.88
C ALA A 57 -12.83 4.83 1.38
N CYS A 58 -12.76 3.74 0.62
CA CYS A 58 -12.60 3.78 -0.81
C CYS A 58 -13.91 3.97 -1.56
N LEU A 59 -14.97 3.44 -0.98
CA LEU A 59 -16.26 3.40 -1.67
C LEU A 59 -16.80 4.83 -1.77
N GLY A 60 -17.03 5.32 -2.99
CA GLY A 60 -17.55 6.67 -3.13
C GLY A 60 -16.49 7.75 -3.11
N TYR A 61 -15.26 7.38 -2.74
CA TYR A 61 -14.14 8.33 -2.64
C TYR A 61 -13.74 8.84 -4.03
N HIS A 62 -13.93 10.13 -4.29
CA HIS A 62 -13.92 10.64 -5.65
C HIS A 62 -14.72 9.87 -6.66
N GLY A 63 -15.82 9.28 -6.22
CA GLY A 63 -16.72 8.54 -7.09
C GLY A 63 -16.33 7.07 -7.28
N TYR A 64 -15.25 6.65 -6.64
CA TYR A 64 -14.78 5.27 -6.69
C TYR A 64 -15.88 4.25 -6.43
N PRO A 65 -16.18 3.35 -7.38
CA PRO A 65 -17.36 2.46 -7.24
C PRO A 65 -17.33 1.17 -6.43
N LYS A 66 -16.17 0.70 -5.95
CA LYS A 66 -16.03 -0.59 -5.24
C LYS A 66 -15.36 -0.34 -3.90
N SER A 67 -15.00 -1.38 -3.15
CA SER A 67 -14.62 -1.17 -1.76
C SER A 67 -13.10 -1.33 -1.58
N VAL A 68 -12.45 -2.06 -2.48
CA VAL A 68 -11.01 -2.28 -2.32
C VAL A 68 -10.54 -2.05 -3.74
N CYS A 69 -9.24 -1.83 -3.98
CA CYS A 69 -8.73 -1.76 -5.38
C CYS A 69 -7.96 -3.01 -5.74
N ILE A 70 -8.24 -3.62 -6.88
CA ILE A 70 -7.56 -4.87 -7.15
C ILE A 70 -6.83 -4.67 -8.45
N SER A 71 -5.50 -4.77 -8.41
CA SER A 71 -4.77 -4.39 -9.62
C SER A 71 -3.98 -5.62 -10.08
N ILE A 72 -4.23 -6.05 -11.32
CA ILE A 72 -3.67 -7.29 -11.84
C ILE A 72 -2.54 -7.03 -12.85
N ASN A 73 -1.41 -7.71 -12.66
CA ASN A 73 -0.32 -7.65 -13.63
C ASN A 73 0.12 -6.25 -14.04
N GLU A 74 -0.36 -5.76 -15.19
CA GLU A 74 0.26 -4.56 -15.79
C GLU A 74 -0.48 -3.35 -15.28
N VAL A 75 -1.54 -3.63 -14.51
CA VAL A 75 -2.33 -2.57 -13.91
C VAL A 75 -1.53 -2.10 -12.70
N VAL A 76 -1.23 -0.81 -12.68
CA VAL A 76 -0.36 -0.19 -11.70
C VAL A 76 -1.13 0.06 -10.42
N CYS A 77 -2.38 0.51 -10.53
CA CYS A 77 -3.17 0.91 -9.32
C CYS A 77 -4.60 1.22 -9.69
N HIS A 78 -5.52 1.22 -8.72
CA HIS A 78 -6.92 1.67 -8.86
C HIS A 78 -7.64 0.77 -9.85
N GLY A 79 -7.17 -0.46 -10.04
CA GLY A 79 -7.95 -1.42 -10.82
C GLY A 79 -9.29 -1.66 -10.13
N ILE A 80 -10.36 -1.72 -10.90
CA ILE A 80 -11.72 -1.77 -10.39
C ILE A 80 -12.24 -3.22 -10.35
N PRO A 81 -12.55 -3.74 -9.16
CA PRO A 81 -13.13 -5.07 -9.07
C PRO A 81 -14.29 -5.29 -10.07
N ASP A 82 -14.22 -6.41 -10.81
CA ASP A 82 -15.13 -6.68 -11.92
C ASP A 82 -15.40 -8.16 -11.98
N ASP A 83 -16.69 -8.52 -11.84
CA ASP A 83 -17.19 -9.90 -11.92
C ASP A 83 -16.75 -10.73 -13.12
N ALA A 84 -16.42 -10.08 -14.24
CA ALA A 84 -15.90 -10.75 -15.43
C ALA A 84 -14.36 -10.88 -15.56
N LYS A 85 -13.56 -10.25 -14.67
CA LYS A 85 -12.11 -10.43 -14.73
C LYS A 85 -11.80 -11.52 -13.73
N LEU A 86 -11.14 -12.56 -14.26
CA LEU A 86 -10.93 -13.78 -13.54
C LEU A 86 -9.44 -13.84 -13.23
N LEU A 87 -9.08 -14.34 -12.05
CA LEU A 87 -7.69 -14.60 -11.79
C LEU A 87 -7.20 -15.88 -12.48
N LYS A 88 -5.95 -15.89 -12.95
CA LYS A 88 -5.37 -17.08 -13.54
C LYS A 88 -3.97 -17.39 -13.01
N ASP A 89 -3.57 -18.66 -13.12
CA ASP A 89 -2.19 -19.07 -12.94
CA ASP A 89 -2.18 -19.04 -12.89
C ASP A 89 -1.30 -17.93 -13.47
N GLY A 90 -0.26 -17.56 -12.72
CA GLY A 90 0.77 -16.63 -13.18
C GLY A 90 0.69 -15.19 -12.70
N ASP A 91 -0.56 -14.73 -12.53
CA ASP A 91 -0.95 -13.32 -12.27
C ASP A 91 -0.24 -12.77 -11.04
N ILE A 92 0.15 -11.50 -11.07
CA ILE A 92 0.47 -10.84 -9.80
C ILE A 92 -0.62 -9.84 -9.53
N VAL A 93 -1.15 -9.82 -8.30
CA VAL A 93 -2.37 -9.11 -8.00
C VAL A 93 -2.09 -8.28 -6.76
N ASN A 94 -2.38 -6.99 -6.80
CA ASN A 94 -2.42 -6.13 -5.59
C ASN A 94 -3.87 -5.99 -5.18
N ILE A 95 -4.11 -6.15 -3.88
CA ILE A 95 -5.34 -5.66 -3.29
C ILE A 95 -4.88 -4.64 -2.27
N ASP A 96 -5.46 -3.45 -2.42
CA ASP A 96 -5.25 -2.26 -1.58
C ASP A 96 -6.54 -2.02 -0.77
N VAL A 97 -6.39 -2.11 0.54
CA VAL A 97 -7.49 -1.93 1.47
C VAL A 97 -7.35 -0.63 2.25
N THR A 98 -8.44 0.12 2.42
CA THR A 98 -8.44 1.19 3.42
C THR A 98 -9.76 1.14 4.15
N VAL A 99 -9.66 1.10 5.47
CA VAL A 99 -10.87 1.05 6.29
C VAL A 99 -10.80 2.26 7.19
N ILE A 100 -12.00 2.72 7.53
CA ILE A 100 -12.21 3.70 8.60
C ILE A 100 -12.93 3.03 9.76
N LYS A 101 -12.31 3.12 10.94
CA LYS A 101 -12.89 2.62 12.17
C LYS A 101 -12.62 3.65 13.26
N ASP A 102 -13.72 4.20 13.77
CA ASP A 102 -13.70 5.02 14.97
C ASP A 102 -13.01 6.35 14.67
N GLY A 103 -13.30 6.81 13.47
CA GLY A 103 -12.83 8.11 13.11
C GLY A 103 -11.53 8.03 12.35
N PHE A 104 -10.89 6.85 12.32
CA PHE A 104 -9.47 6.72 11.90
C PHE A 104 -9.31 5.69 10.79
N HIS A 105 -8.39 5.98 9.85
CA HIS A 105 -8.12 5.09 8.70
C HIS A 105 -6.87 4.22 8.87
N GLY A 106 -6.95 2.98 8.39
CA GLY A 106 -5.81 2.11 8.23
C GLY A 106 -5.72 1.80 6.75
N ASP A 107 -4.53 1.84 6.19
CA ASP A 107 -4.37 1.80 4.71
C ASP A 107 -3.18 0.92 4.38
N THR A 108 -3.48 -0.12 3.62
CA THR A 108 -2.53 -1.14 3.32
C THR A 108 -2.80 -2.01 2.06
N SER A 109 -1.71 -2.50 1.47
CA SER A 109 -1.84 -3.39 0.31
C SER A 109 -0.64 -4.32 0.20
N LYS A 110 -0.80 -5.46 -0.49
CA LYS A 110 0.26 -6.39 -0.75
C LYS A 110 0.05 -7.04 -2.11
N MET A 111 1.08 -7.73 -2.58
CA MET A 111 0.98 -8.54 -3.77
C MET A 111 0.64 -9.94 -3.38
N PHE A 112 -0.32 -10.55 -4.10
CA PHE A 112 -0.47 -12.01 -4.11
C PHE A 112 -0.07 -12.53 -5.49
N ILE A 113 0.56 -13.72 -5.51
CA ILE A 113 0.91 -14.37 -6.77
C ILE A 113 0.03 -15.59 -6.95
N VAL A 114 -0.66 -15.69 -8.08
CA VAL A 114 -1.86 -16.51 -8.13
C VAL A 114 -1.43 -17.87 -8.69
N GLY A 115 -1.80 -18.94 -7.98
CA GLY A 115 -1.49 -20.31 -8.39
C GLY A 115 -0.02 -20.48 -8.72
N LYS A 116 0.27 -20.96 -9.92
CA LYS A 116 1.66 -21.30 -10.22
C LYS A 116 2.51 -20.04 -10.37
N PRO A 117 3.47 -19.79 -9.47
CA PRO A 117 4.20 -18.56 -9.77
C PRO A 117 4.84 -18.54 -11.17
N THR A 118 4.77 -17.43 -11.90
CA THR A 118 5.86 -17.08 -12.82
C THR A 118 7.06 -16.56 -12.07
N ILE A 119 8.12 -16.36 -12.83
CA ILE A 119 9.46 -16.16 -12.29
C ILE A 119 9.71 -14.66 -12.12
N MET A 120 9.70 -13.90 -13.20
CA MET A 120 9.96 -12.46 -13.08
C MET A 120 8.92 -11.61 -12.32
N GLY A 121 7.75 -12.15 -12.02
CA GLY A 121 6.87 -11.48 -11.09
C GLY A 121 7.17 -11.83 -9.64
N GLU A 122 7.63 -13.07 -9.39
CA GLU A 122 8.22 -13.46 -8.11
C GLU A 122 9.21 -12.40 -7.68
N ARG A 123 10.10 -12.07 -8.61
CA ARG A 123 11.15 -11.08 -8.39
C ARG A 123 10.65 -9.65 -8.29
N LEU A 124 9.84 -9.17 -9.23
CA LEU A 124 9.30 -7.81 -9.09
C LEU A 124 8.68 -7.57 -7.70
N CYS A 125 7.86 -8.51 -7.24
CA CYS A 125 7.05 -8.41 -6.02
C CYS A 125 7.98 -8.39 -4.82
N ARG A 126 8.95 -9.30 -4.82
CA ARG A 126 10.03 -9.33 -3.83
C ARG A 126 10.77 -8.00 -3.68
N ILE A 127 11.21 -7.45 -4.81
CA ILE A 127 12.06 -6.25 -4.85
C ILE A 127 11.21 -5.07 -4.33
N THR A 128 9.95 -5.05 -4.74
CA THR A 128 9.01 -3.96 -4.40
C THR A 128 8.84 -3.91 -2.88
N GLN A 129 8.58 -5.08 -2.28
CA GLN A 129 8.55 -5.19 -0.83
C GLN A 129 9.83 -4.82 -0.12
N GLU A 130 10.99 -5.29 -0.66
CA GLU A 130 12.29 -5.02 -0.06
CA GLU A 130 12.27 -5.00 -0.01
C GLU A 130 12.46 -3.50 -0.07
N SER A 131 12.05 -2.88 -1.16
CA SER A 131 12.07 -1.41 -1.25
C SER A 131 11.22 -0.68 -0.17
N LEU A 132 10.01 -1.17 0.10
CA LEU A 132 9.18 -0.75 1.24
C LEU A 132 9.89 -0.99 2.56
N TYR A 133 10.44 -2.19 2.79
CA TYR A 133 11.11 -2.46 4.04
C TYR A 133 12.35 -1.55 4.24
N LEU A 134 13.17 -1.38 3.21
CA LEU A 134 14.30 -0.51 3.45
C LEU A 134 13.84 0.89 3.82
N ALA A 135 12.82 1.45 3.18
CA ALA A 135 12.25 2.72 3.64
C ALA A 135 11.75 2.70 5.11
N LEU A 136 11.06 1.63 5.48
CA LEU A 136 10.50 1.52 6.84
C LEU A 136 11.64 1.54 7.89
N ARG A 137 12.77 0.99 7.51
CA ARG A 137 13.92 0.92 8.40
C ARG A 137 14.60 2.26 8.58
N MET A 138 14.31 3.24 7.71
CA MET A 138 15.01 4.52 7.76
C MET A 138 14.26 5.51 8.61
N VAL A 139 13.03 5.11 8.94
CA VAL A 139 12.05 6.04 9.45
C VAL A 139 12.40 6.17 10.92
N LYS A 140 12.59 7.43 11.34
CA LYS A 140 12.84 7.76 12.71
C LYS A 140 12.80 9.27 12.83
N PRO A 141 12.57 9.80 14.05
CA PRO A 141 12.58 11.26 14.26
C PRO A 141 13.87 11.96 13.78
N GLY A 142 13.68 12.95 12.89
CA GLY A 142 14.74 13.89 12.54
C GLY A 142 15.37 13.60 11.18
N ILE A 143 15.13 12.41 10.66
CA ILE A 143 15.32 12.09 9.23
C ILE A 143 14.31 12.79 8.30
N ASN A 144 14.69 13.00 7.04
CA ASN A 144 13.91 13.80 6.09
C ASN A 144 13.22 12.83 5.13
N LEU A 145 11.96 13.11 4.76
CA LEU A 145 11.26 12.37 3.70
C LEU A 145 12.05 12.19 2.42
N ARG A 146 12.80 13.21 2.03
CA ARG A 146 13.55 13.14 0.79
C ARG A 146 14.61 12.06 0.70
N GLU A 147 15.35 11.81 1.78
CA GLU A 147 16.27 10.67 1.86
C GLU A 147 15.58 9.31 1.61
N ILE A 148 14.44 9.15 2.27
CA ILE A 148 13.57 8.00 2.03
C ILE A 148 13.18 7.76 0.58
N GLY A 149 12.76 8.81 -0.13
CA GLY A 149 12.38 8.62 -1.53
C GLY A 149 13.58 8.30 -2.40
N ALA A 150 14.61 9.10 -2.21
CA ALA A 150 15.85 8.89 -2.92
C ALA A 150 16.34 7.46 -2.69
N ALA A 151 16.29 7.01 -1.44
CA ALA A 151 16.70 5.64 -1.17
C ALA A 151 15.85 4.49 -1.74
N ILE A 152 14.52 4.60 -1.76
CA ILE A 152 13.70 3.64 -2.55
C ILE A 152 14.10 3.52 -4.05
N GLN A 153 14.20 4.68 -4.69
CA GLN A 153 14.43 4.77 -6.14
C GLN A 153 15.78 4.17 -6.54
N LYS A 154 16.83 4.54 -5.81
CA LYS A 154 18.10 3.85 -6.01
C LYS A 154 18.00 2.30 -6.07
N PHE A 155 17.46 1.71 -5.01
CA PHE A 155 17.29 0.26 -4.89
C PHE A 155 16.59 -0.35 -6.11
N VAL A 156 15.49 0.27 -6.49
CA VAL A 156 14.56 -0.28 -7.45
C VAL A 156 15.19 -0.34 -8.88
N GLU A 157 15.89 0.73 -9.22
CA GLU A 157 16.50 0.91 -10.58
C GLU A 157 17.75 0.02 -10.76
N ALA A 158 18.55 -0.04 -9.70
CA ALA A 158 19.68 -0.95 -9.57
C ALA A 158 19.27 -2.41 -9.80
N GLU A 159 17.96 -2.68 -9.83
CA GLU A 159 17.43 -4.02 -10.14
CA GLU A 159 17.48 -4.03 -10.14
C GLU A 159 16.94 -4.16 -11.57
N GLY A 160 16.98 -3.07 -12.33
CA GLY A 160 16.39 -3.13 -13.65
C GLY A 160 14.98 -2.60 -13.74
N PHE A 161 14.43 -2.14 -12.62
CA PHE A 161 13.04 -1.73 -12.55
C PHE A 161 12.93 -0.19 -12.42
N SER A 162 11.71 0.36 -12.55
CA SER A 162 11.46 1.78 -12.31
C SER A 162 10.36 2.08 -11.27
N VAL A 163 10.44 3.27 -10.67
CA VAL A 163 9.46 3.85 -9.70
C VAL A 163 8.46 4.77 -10.40
N VAL A 164 7.19 4.49 -10.18
CA VAL A 164 6.09 5.29 -10.71
C VAL A 164 6.04 6.62 -9.95
N ARG A 165 5.88 7.73 -10.68
CA ARG A 165 6.06 9.05 -10.10
C ARG A 165 4.71 9.66 -9.69
N GLU A 166 3.60 9.31 -10.35
CA GLU A 166 2.32 10.05 -10.18
C GLU A 166 1.66 9.82 -8.84
N TYR A 167 1.98 8.70 -8.20
CA TYR A 167 1.21 8.35 -7.02
C TYR A 167 2.18 8.29 -5.87
N CYS A 168 1.72 8.67 -4.68
CA CYS A 168 2.65 8.73 -3.57
C CYS A 168 1.97 8.30 -2.29
N GLY A 169 2.74 8.02 -1.24
CA GLY A 169 2.21 7.69 0.09
C GLY A 169 1.82 9.05 0.64
N HIS A 170 1.29 9.16 1.85
CA HIS A 170 0.47 10.30 2.25
C HIS A 170 0.29 10.17 3.78
N GLY A 171 0.27 11.31 4.46
CA GLY A 171 -0.20 11.34 5.84
C GLY A 171 -1.59 10.72 5.88
N ILE A 172 -2.00 10.23 7.04
CA ILE A 172 -3.24 9.50 7.15
C ILE A 172 -3.62 9.62 8.63
N GLY A 173 -4.91 9.65 8.92
CA GLY A 173 -5.40 9.64 10.30
C GLY A 173 -6.89 9.84 10.16
N ARG A 174 -7.40 10.99 10.63
CA ARG A 174 -8.83 11.30 10.51
CA ARG A 174 -8.83 11.31 10.52
C ARG A 174 -9.18 11.56 9.04
N GLY A 175 -8.21 12.06 8.27
CA GLY A 175 -8.38 12.20 6.82
C GLY A 175 -7.76 10.97 6.16
N PHE A 176 -8.27 10.59 5.00
CA PHE A 176 -7.71 9.55 4.18
C PHE A 176 -6.26 9.89 3.71
N HIS A 177 -6.11 11.00 3.00
CA HIS A 177 -4.86 11.56 2.57
C HIS A 177 -4.66 12.91 3.29
N GLU A 178 -3.75 12.99 4.26
CA GLU A 178 -3.42 14.26 4.94
C GLU A 178 -1.98 14.53 4.49
N GLU A 179 -1.41 15.69 4.82
CA GLU A 179 0.05 15.86 4.74
C GLU A 179 0.80 14.92 5.69
N PRO A 180 2.04 14.58 5.33
CA PRO A 180 2.66 14.97 4.07
C PRO A 180 2.44 14.06 2.85
N GLN A 181 2.83 14.54 1.67
CA GLN A 181 3.15 13.63 0.55
C GLN A 181 4.45 12.88 0.71
N VAL A 182 4.40 11.58 0.43
CA VAL A 182 5.54 10.73 0.59
C VAL A 182 5.89 10.13 -0.76
N LEU A 183 6.83 10.78 -1.40
CA LEU A 183 7.23 10.47 -2.74
C LEU A 183 8.18 9.30 -2.61
N HIS A 184 8.15 8.37 -3.54
CA HIS A 184 9.07 7.22 -3.53
C HIS A 184 10.31 7.48 -4.37
N TYR A 185 10.55 8.77 -4.53
CA TYR A 185 11.74 9.21 -5.24
C TYR A 185 12.28 10.57 -4.78
N ASP A 186 13.43 10.86 -5.38
CA ASP A 186 14.15 12.08 -5.11
C ASP A 186 13.62 13.12 -6.08
N SER A 187 13.05 14.16 -5.49
CA SER A 187 12.65 15.38 -6.17
C SER A 187 13.26 16.37 -5.17
N ARG A 188 13.84 17.47 -5.65
CA ARG A 188 14.29 18.52 -4.73
C ARG A 188 13.11 19.33 -4.20
N GLU A 189 11.92 19.10 -4.75
CA GLU A 189 10.71 19.62 -4.13
C GLU A 189 10.53 19.18 -2.69
N THR A 190 10.89 17.92 -2.42
CA THR A 190 10.64 17.37 -1.08
C THR A 190 11.58 17.74 0.07
N ASN A 191 10.98 18.26 1.12
CA ASN A 191 11.68 18.53 2.35
C ASN A 191 10.76 18.39 3.56
N VAL A 192 10.60 17.19 4.11
CA VAL A 192 9.84 17.05 5.36
C VAL A 192 10.80 16.40 6.34
N VAL A 193 10.87 16.92 7.57
CA VAL A 193 11.72 16.38 8.64
C VAL A 193 10.79 15.73 9.67
N LEU A 194 11.02 14.45 9.99
CA LEU A 194 9.99 13.63 10.66
C LEU A 194 10.01 13.77 12.15
N LYS A 195 8.86 13.55 12.78
CA LYS A 195 8.78 13.76 14.22
C LYS A 195 7.80 12.78 14.94
N PRO A 196 8.08 12.45 16.19
CA PRO A 196 7.23 11.37 16.76
C PRO A 196 5.73 11.70 16.66
N GLY A 197 4.89 10.72 16.37
CA GLY A 197 3.46 10.99 16.37
C GLY A 197 2.87 11.33 15.00
N MET A 198 3.68 11.61 13.97
CA MET A 198 3.21 11.61 12.60
C MET A 198 2.78 10.18 12.23
N THR A 199 1.76 10.07 11.40
CA THR A 199 1.36 8.80 10.85
C THR A 199 1.25 9.03 9.34
N PHE A 200 1.79 8.13 8.53
CA PHE A 200 1.71 8.23 7.08
C PHE A 200 1.89 6.85 6.50
N THR A 201 1.63 6.70 5.20
CA THR A 201 1.90 5.49 4.45
C THR A 201 3.14 5.58 3.58
N ILE A 202 3.66 4.42 3.20
CA ILE A 202 4.73 4.33 2.24
C ILE A 202 4.16 3.25 1.31
N GLU A 203 4.10 3.53 0.01
CA GLU A 203 3.41 2.66 -0.90
C GLU A 203 3.98 2.67 -2.32
N PRO A 204 5.27 2.28 -2.46
CA PRO A 204 5.93 2.43 -3.74
C PRO A 204 5.25 1.55 -4.81
N MET A 205 5.02 2.16 -5.97
CA MET A 205 4.69 1.38 -7.17
C MET A 205 5.91 1.16 -8.08
N VAL A 206 6.20 -0.09 -8.41
CA VAL A 206 7.40 -0.43 -9.20
C VAL A 206 7.05 -1.13 -10.52
N ASN A 207 7.64 -0.68 -11.62
CA ASN A 207 7.32 -1.28 -12.93
C ASN A 207 8.50 -2.12 -13.29
N ALA A 208 8.29 -3.33 -13.81
CA ALA A 208 9.42 -4.06 -14.40
C ALA A 208 9.96 -3.40 -15.70
N GLY A 209 9.09 -2.80 -16.51
CA GLY A 209 9.52 -1.88 -17.55
C GLY A 209 9.95 -0.47 -17.13
N LYS A 210 9.52 0.52 -17.92
CA LYS A 210 9.77 1.96 -17.75
C LYS A 210 8.63 2.63 -16.95
N LYS A 211 8.92 3.84 -16.46
CA LYS A 211 8.26 4.46 -15.31
C LYS A 211 6.92 5.10 -15.67
N GLU A 212 6.62 5.20 -16.98
CA GLU A 212 5.47 5.96 -17.47
C GLU A 212 4.17 5.16 -17.42
N ILE A 213 3.08 5.83 -17.06
CA ILE A 213 1.84 5.10 -16.84
C ILE A 213 0.74 5.69 -17.69
N ARG A 214 -0.44 5.09 -17.65
CA ARG A 214 -1.54 5.47 -18.53
C ARG A 214 -2.91 5.21 -17.88
N THR A 215 -3.80 6.19 -17.84
CA THR A 215 -5.15 5.93 -17.37
C THR A 215 -6.12 5.47 -18.47
N MET A 216 -7.01 4.51 -18.17
CA MET A 216 -7.96 3.91 -19.13
C MET A 216 -9.26 4.74 -19.32
N LYS A 217 -10.12 4.33 -20.25
CA LYS A 217 -11.38 5.07 -20.46
C LYS A 217 -12.49 4.83 -19.39
N ASP A 218 -12.17 4.05 -18.36
CA ASP A 218 -13.10 3.95 -17.22
C ASP A 218 -12.81 5.04 -16.20
N GLY A 219 -11.78 5.83 -16.51
CA GLY A 219 -11.34 6.92 -15.66
C GLY A 219 -10.72 6.54 -14.31
N TRP A 220 -10.38 5.25 -14.14
CA TRP A 220 -9.85 4.68 -12.90
C TRP A 220 -8.52 3.94 -13.08
N THR A 221 -8.61 2.94 -13.94
CA THR A 221 -7.55 1.95 -14.15
C THR A 221 -6.33 2.61 -14.73
N VAL A 222 -5.22 2.49 -13.99
CA VAL A 222 -3.92 2.91 -14.42
C VAL A 222 -3.12 1.66 -14.83
N LYS A 223 -2.57 1.70 -16.04
CA LYS A 223 -1.68 0.64 -16.54
C LYS A 223 -0.33 1.24 -16.89
N THR A 224 0.66 0.37 -16.99
CA THR A 224 1.95 0.77 -17.52
C THR A 224 1.85 1.05 -19.06
N LYS A 225 2.65 2.00 -19.53
CA LYS A 225 2.47 2.52 -20.86
C LYS A 225 3.05 1.43 -21.79
N ASP A 226 4.21 0.88 -21.39
CA ASP A 226 4.88 -0.22 -22.06
C ASP A 226 4.36 -1.62 -21.69
N ARG A 227 3.26 -1.69 -20.95
CA ARG A 227 2.55 -2.95 -20.67
C ARG A 227 3.33 -4.01 -19.87
N SER A 228 4.46 -3.61 -19.30
CA SER A 228 5.23 -4.45 -18.38
C SER A 228 4.46 -4.71 -17.04
N LEU A 229 5.02 -5.57 -16.20
CA LEU A 229 4.39 -5.82 -14.93
C LEU A 229 4.67 -4.67 -13.95
N SER A 230 3.72 -4.41 -13.08
CA SER A 230 3.91 -3.42 -12.00
C SER A 230 3.41 -3.98 -10.69
N ALA A 231 4.11 -3.64 -9.60
CA ALA A 231 3.84 -4.16 -8.27
C ALA A 231 3.94 -3.03 -7.20
N GLN A 232 3.19 -3.24 -6.12
CA GLN A 232 2.95 -2.26 -5.04
C GLN A 232 2.80 -3.00 -3.70
N TYR A 233 3.42 -2.49 -2.64
CA TYR A 233 3.02 -2.83 -1.27
C TYR A 233 2.92 -1.53 -0.51
N GLU A 234 2.05 -1.52 0.49
CA GLU A 234 1.79 -0.35 1.30
C GLU A 234 1.66 -0.74 2.79
N HIS A 235 2.31 0.03 3.65
CA HIS A 235 2.06 -0.01 5.12
C HIS A 235 1.73 1.40 5.65
N THR A 236 0.91 1.47 6.70
CA THR A 236 0.65 2.72 7.41
C THR A 236 1.51 2.62 8.66
N ILE A 237 2.14 3.72 9.02
CA ILE A 237 3.00 3.69 10.22
C ILE A 237 2.79 4.91 11.11
N VAL A 238 3.32 4.83 12.35
CA VAL A 238 3.47 5.99 13.27
C VAL A 238 5.00 6.25 13.46
N VAL A 239 5.47 7.47 13.23
CA VAL A 239 6.78 7.81 13.82
C VAL A 239 6.81 7.69 15.37
N THR A 240 7.72 6.88 15.89
CA THR A 240 7.89 6.77 17.33
C THR A 240 9.05 7.59 17.86
N ASP A 241 9.17 7.66 19.20
CA ASP A 241 10.25 8.38 19.80
C ASP A 241 11.67 7.95 19.41
N ASN A 242 11.82 6.77 18.84
CA ASN A 242 13.12 6.28 18.50
C ASN A 242 13.11 5.45 17.17
N GLY A 243 11.98 5.42 16.47
CA GLY A 243 11.97 4.82 15.13
C GLY A 243 10.62 4.85 14.44
N CYS A 244 10.05 3.68 14.17
CA CYS A 244 8.64 3.58 13.89
C CYS A 244 7.89 2.35 14.38
N GLU A 245 6.58 2.42 14.25
CA GLU A 245 5.77 1.23 14.45
C GLU A 245 4.85 1.04 13.24
N ILE A 246 4.85 -0.15 12.67
CA ILE A 246 4.00 -0.45 11.53
C ILE A 246 2.63 -0.85 12.07
N LEU A 247 1.60 -0.14 11.62
CA LEU A 247 0.28 -0.30 12.24
C LEU A 247 -0.51 -1.27 11.41
N THR A 248 -0.07 -1.59 10.18
CA THR A 248 -0.72 -2.60 9.36
C THR A 248 -0.02 -3.95 9.13
N LEU A 249 0.73 -4.42 10.12
CA LEU A 249 1.67 -5.55 9.89
C LEU A 249 0.84 -6.82 9.78
N ARG A 250 1.20 -7.73 8.86
CA ARG A 250 0.45 -9.01 8.75
C ARG A 250 1.35 -10.13 9.33
N LYS A 251 0.75 -11.25 9.69
CA LYS A 251 1.49 -12.45 10.05
C LYS A 251 2.54 -12.83 9.01
N ASP A 252 2.33 -12.47 7.76
CA ASP A 252 3.29 -12.82 6.73
C ASP A 252 4.36 -11.79 6.44
N ASP A 253 4.35 -10.71 7.21
CA ASP A 253 5.38 -9.68 6.94
C ASP A 253 6.65 -10.21 7.58
N THR A 254 7.82 -9.85 7.07
CA THR A 254 9.00 -10.46 7.64
C THR A 254 9.85 -9.32 8.20
N ILE A 255 9.18 -8.29 8.72
CA ILE A 255 9.90 -7.15 9.31
C ILE A 255 9.12 -7.03 10.61
N PRO A 256 9.83 -6.67 11.69
CA PRO A 256 9.12 -6.44 12.92
C PRO A 256 8.23 -5.19 12.93
N ALA A 257 7.19 -5.24 13.77
CA ALA A 257 6.17 -4.23 13.94
C ALA A 257 6.79 -3.00 14.55
N ILE A 258 7.65 -3.25 15.55
CA ILE A 258 8.35 -2.18 16.26
C ILE A 258 9.81 -2.12 15.82
N ILE A 259 10.16 -1.01 15.19
CA ILE A 259 11.51 -0.76 14.72
C ILE A 259 12.19 0.29 15.58
N SER A 260 13.23 -0.13 16.30
CA SER A 260 13.79 0.78 17.31
C SER A 260 15.27 1.02 17.05
N HIS A 261 15.64 2.28 16.93
CA HIS A 261 17.03 2.68 16.68
C HIS A 261 17.82 3.01 17.96
N ASP A 262 17.18 2.88 19.12
CA ASP A 262 17.81 3.21 20.40
C ASP A 262 18.75 2.07 20.83
N GLU A 263 19.68 2.44 21.70
CA GLU A 263 20.56 1.49 22.35
C GLU A 263 19.93 0.85 23.60
CO CO B . -2.44 4.95 0.61
CO CO C . -3.83 2.08 -0.16
NA NA D . 0.14 -4.67 -10.77
O2 U17 E . -4.22 6.39 -1.17
C10 U17 E . -3.99 5.75 -2.15
C9 U17 E . -4.10 4.29 -1.87
C7 U17 E . -5.50 4.04 -1.33
C3 U17 E . -6.56 4.78 -2.15
C6 U17 E . -7.34 4.53 -3.12
C2 U17 E . -8.33 4.60 -3.85
C5 U17 E . -9.43 4.85 -4.40
N1 U17 E . -5.69 2.70 -0.75
O1 U17 E . -3.15 4.04 -0.84
N2 U17 E . -3.68 6.25 -3.33
C11 U17 E . -3.40 7.68 -3.58
C13 U17 E . -1.90 8.06 -3.54
O6 U17 E . -1.40 9.12 -4.40
C12 U17 E . -4.10 7.99 -4.89
O3 U17 E . -3.82 7.17 -5.74
N3 U17 E . -4.92 9.05 -5.04
C14 U17 E . -5.41 9.65 -6.29
C15 U17 E . -6.80 10.21 -5.97
C17 U17 E . -7.99 9.87 -6.90
C18 U17 E . -9.09 9.27 -6.01
C19 U17 E . -8.52 11.04 -7.74
C16 U17 E . -4.52 10.76 -6.87
O4 U17 E . -4.10 11.64 -6.12
O5 U17 E . -4.10 10.86 -8.27
C20 U17 E . -3.24 11.89 -8.79
#